data_4YM2
#
_entry.id   4YM2
#
_cell.length_a   45.224
_cell.length_b   129.208
_cell.length_c   45.233
_cell.angle_alpha   90.000
_cell.angle_beta   96.880
_cell.angle_gamma   90.000
#
_symmetry.space_group_name_H-M   'P 1 21 1'
#
loop_
_entity.id
_entity.type
_entity.pdbx_description
1 polymer Galectin-4
2 branched 3-O-sulfo-beta-D-galactopyranose-(1-4)-beta-D-glucopyranose
3 branched beta-D-galactopyranose-(1-4)-beta-D-glucopyranose
4 water water
#
_entity_poly.entity_id   1
_entity_poly.type   'polypeptide(L)'
_entity_poly.pdbx_seq_one_letter_code
;HCHQQLNSLPTMEGPPTFNPPVPYFGRLQGGLTARRTIIIKGYVPPTGKSFAINFKVGSSGDIALHINPRMGNGTVVRNS
LLNGSWGSEEKKITHNPFGPGQFFDLSIRCGLDRFKVYANGQHLFDFAHRLSAFQRVDTLEIQGDVTLSYVQI
;
_entity_poly.pdbx_strand_id   A,B,C,D
#
# COMPACT_ATOMS: atom_id res chain seq x y z
N PRO A 16 -31.63 -9.83 6.30
CA PRO A 16 -31.01 -10.04 7.61
C PRO A 16 -29.49 -9.91 7.59
N THR A 17 -28.90 -9.71 8.77
CA THR A 17 -27.44 -9.59 8.93
C THR A 17 -26.75 -10.96 8.88
N PHE A 18 -27.37 -11.97 9.47
CA PHE A 18 -26.82 -13.33 9.51
C PHE A 18 -27.51 -14.26 8.52
N ASN A 19 -26.74 -15.24 8.03
CA ASN A 19 -27.11 -16.10 6.91
C ASN A 19 -28.14 -15.51 5.95
N PRO A 20 -27.79 -14.40 5.29
CA PRO A 20 -28.74 -13.82 4.35
C PRO A 20 -28.77 -14.63 3.07
N PRO A 21 -29.97 -14.97 2.55
CA PRO A 21 -30.02 -15.68 1.28
C PRO A 21 -29.72 -14.77 0.09
N VAL A 22 -29.01 -15.32 -0.90
CA VAL A 22 -28.73 -14.63 -2.15
C VAL A 22 -29.94 -14.85 -3.07
N PRO A 23 -30.38 -13.86 -3.86
CA PRO A 23 -29.77 -12.52 -4.01
C PRO A 23 -30.12 -11.54 -2.89
N TYR A 24 -29.10 -10.87 -2.38
CA TYR A 24 -29.21 -9.98 -1.24
C TYR A 24 -29.49 -8.53 -1.70
N PHE A 25 -30.46 -7.88 -1.04
CA PHE A 25 -30.72 -6.45 -1.21
C PHE A 25 -30.78 -5.78 0.17
N GLY A 26 -29.79 -4.95 0.46
CA GLY A 26 -29.72 -4.20 1.72
C GLY A 26 -29.46 -2.72 1.44
N ARG A 27 -30.33 -1.85 1.96
CA ARG A 27 -30.23 -0.41 1.72
C ARG A 27 -29.30 0.28 2.72
N LEU A 28 -28.56 1.28 2.24
CA LEU A 28 -27.45 1.90 2.96
C LEU A 28 -27.92 3.20 3.65
N GLN A 29 -28.15 3.11 4.96
CA GLN A 29 -28.66 4.21 5.78
C GLN A 29 -27.92 5.54 5.55
N GLY A 30 -28.65 6.53 5.05
CA GLY A 30 -28.13 7.87 4.78
C GLY A 30 -27.32 8.01 3.50
N GLY A 31 -27.43 7.03 2.60
CA GLY A 31 -26.54 6.93 1.45
C GLY A 31 -25.21 6.31 1.86
N LEU A 32 -24.31 6.13 0.89
CA LEU A 32 -22.98 5.60 1.15
C LEU A 32 -22.07 6.73 1.65
N THR A 33 -21.78 6.75 2.95
CA THR A 33 -20.92 7.78 3.53
C THR A 33 -19.46 7.38 3.38
N ALA A 34 -18.56 8.37 3.39
CA ALA A 34 -17.13 8.10 3.53
C ALA A 34 -16.82 7.58 4.93
N ARG A 35 -15.67 6.91 5.09
CA ARG A 35 -15.25 6.26 6.34
C ARG A 35 -16.09 5.02 6.69
N ARG A 36 -16.99 4.60 5.81
CA ARG A 36 -17.97 3.57 6.11
C ARG A 36 -17.50 2.24 5.54
N THR A 37 -17.49 1.22 6.38
CA THR A 37 -17.03 -0.10 6.00
C THR A 37 -18.20 -1.09 5.96
N ILE A 38 -18.18 -1.94 4.92
CA ILE A 38 -19.09 -3.06 4.75
C ILE A 38 -18.27 -4.34 4.89
N ILE A 39 -18.83 -5.29 5.65
CA ILE A 39 -18.20 -6.60 5.83
C ILE A 39 -19.07 -7.64 5.14
N ILE A 40 -18.47 -8.45 4.29
CA ILE A 40 -19.14 -9.57 3.66
C ILE A 40 -18.30 -10.80 3.94
N LYS A 41 -18.83 -11.70 4.79
CA LYS A 41 -18.23 -13.03 5.01
C LYS A 41 -19.08 -14.05 4.28
N GLY A 42 -18.44 -14.92 3.50
CA GLY A 42 -19.17 -15.84 2.64
C GLY A 42 -18.40 -17.08 2.28
N TYR A 43 -18.99 -17.86 1.37
CA TYR A 43 -18.45 -19.12 0.90
C TYR A 43 -18.70 -19.26 -0.60
N VAL A 44 -17.64 -19.58 -1.33
CA VAL A 44 -17.69 -19.85 -2.76
C VAL A 44 -17.99 -21.34 -2.94
N PRO A 45 -19.15 -21.70 -3.54
CA PRO A 45 -19.41 -23.12 -3.77
C PRO A 45 -18.42 -23.75 -4.77
N PRO A 46 -18.13 -25.06 -4.65
CA PRO A 46 -17.24 -25.68 -5.63
C PRO A 46 -17.83 -25.66 -7.04
N THR A 47 -19.16 -25.78 -7.12
CA THR A 47 -19.88 -25.75 -8.40
C THR A 47 -20.35 -24.34 -8.79
N GLY A 48 -19.62 -23.31 -8.34
CA GLY A 48 -19.89 -21.92 -8.70
C GLY A 48 -18.99 -21.44 -9.81
N LYS A 49 -19.50 -20.52 -10.63
CA LYS A 49 -18.78 -19.87 -11.72
C LYS A 49 -18.63 -18.36 -11.55
N SER A 50 -19.64 -17.69 -11.00
CA SER A 50 -19.67 -16.23 -10.95
C SER A 50 -20.58 -15.73 -9.84
N PHE A 51 -20.13 -14.71 -9.11
CA PHE A 51 -21.00 -13.91 -8.27
C PHE A 51 -20.58 -12.44 -8.36
N ALA A 52 -21.45 -11.55 -7.91
CA ALA A 52 -21.18 -10.12 -7.99
C ALA A 52 -21.63 -9.40 -6.73
N ILE A 53 -20.84 -8.40 -6.34
CA ILE A 53 -21.19 -7.46 -5.30
C ILE A 53 -21.35 -6.11 -5.99
N ASN A 54 -22.55 -5.54 -5.91
CA ASN A 54 -22.90 -4.27 -6.56
C ASN A 54 -23.27 -3.20 -5.55
N PHE A 55 -22.58 -2.07 -5.66
CA PHE A 55 -22.91 -0.86 -4.93
C PHE A 55 -23.67 -0.01 -5.91
N LYS A 56 -24.93 0.27 -5.58
CA LYS A 56 -25.90 0.64 -6.59
C LYS A 56 -26.74 1.86 -6.18
N VAL A 57 -26.97 2.74 -7.16
CA VAL A 57 -27.80 3.93 -6.96
C VAL A 57 -29.24 3.53 -7.25
N GLY A 58 -29.98 3.28 -6.17
CA GLY A 58 -31.35 2.79 -6.28
C GLY A 58 -31.37 1.30 -6.57
N SER A 59 -32.51 0.67 -6.28
CA SER A 59 -32.67 -0.79 -6.44
C SER A 59 -32.42 -1.35 -7.85
N SER A 60 -32.40 -0.51 -8.89
CA SER A 60 -32.16 -0.94 -10.27
C SER A 60 -31.41 0.09 -11.16
N GLY A 61 -30.56 0.93 -10.55
CA GLY A 61 -29.93 2.05 -11.26
C GLY A 61 -28.45 1.87 -11.56
N ASP A 62 -27.67 2.93 -11.33
CA ASP A 62 -26.23 2.92 -11.64
C ASP A 62 -25.48 2.08 -10.62
N ILE A 63 -24.47 1.33 -11.09
CA ILE A 63 -23.59 0.57 -10.21
C ILE A 63 -22.26 1.32 -10.08
N ALA A 64 -22.08 1.94 -8.92
CA ALA A 64 -20.85 2.65 -8.59
C ALA A 64 -19.66 1.70 -8.64
N LEU A 65 -19.79 0.58 -7.94
CA LEU A 65 -18.78 -0.46 -7.92
C LEU A 65 -19.44 -1.81 -8.11
N HIS A 66 -19.05 -2.48 -9.19
CA HIS A 66 -19.42 -3.86 -9.50
C HIS A 66 -18.17 -4.71 -9.23
N ILE A 67 -18.29 -5.75 -8.40
CA ILE A 67 -17.16 -6.64 -8.08
C ILE A 67 -17.55 -8.05 -8.46
N ASN A 68 -16.82 -8.66 -9.39
CA ASN A 68 -17.24 -9.91 -10.05
C ASN A 68 -16.15 -10.99 -10.06
N PRO A 69 -16.03 -11.76 -8.96
CA PRO A 69 -15.17 -12.94 -9.00
C PRO A 69 -15.72 -13.99 -9.96
N ARG A 70 -14.90 -14.40 -10.92
CA ARG A 70 -15.28 -15.40 -11.91
C ARG A 70 -14.33 -16.59 -11.76
N MET A 71 -14.87 -17.71 -11.31
CA MET A 71 -14.11 -18.93 -11.04
C MET A 71 -13.51 -19.59 -12.28
N GLY A 72 -14.22 -19.56 -13.40
CA GLY A 72 -13.71 -20.10 -14.68
C GLY A 72 -12.25 -19.77 -14.95
N ASN A 73 -11.96 -18.47 -15.06
CA ASN A 73 -10.59 -17.95 -15.26
C ASN A 73 -9.92 -17.43 -13.97
N GLY A 74 -10.65 -17.44 -12.86
CA GLY A 74 -10.12 -17.00 -11.57
C GLY A 74 -9.74 -15.53 -11.62
N THR A 75 -10.69 -14.70 -12.08
CA THR A 75 -10.51 -13.27 -12.19
C THR A 75 -11.38 -12.58 -11.16
N VAL A 76 -10.92 -11.42 -10.69
CA VAL A 76 -11.72 -10.56 -9.84
C VAL A 76 -11.96 -9.25 -10.61
N VAL A 77 -13.07 -9.20 -11.35
CA VAL A 77 -13.41 -8.10 -12.23
C VAL A 77 -14.09 -6.93 -11.51
N ARG A 78 -13.46 -5.75 -11.52
CA ARG A 78 -14.08 -4.51 -11.06
C ARG A 78 -14.45 -3.61 -12.21
N ASN A 79 -15.65 -3.02 -12.13
CA ASN A 79 -16.15 -2.08 -13.15
C ASN A 79 -17.26 -1.21 -12.56
N SER A 80 -17.67 -0.21 -13.32
CA SER A 80 -18.83 0.63 -13.00
C SER A 80 -19.81 0.64 -14.15
N LEU A 81 -21.11 0.55 -13.81
CA LEU A 81 -22.20 0.74 -14.75
C LEU A 81 -22.82 2.10 -14.49
N LEU A 82 -22.57 3.03 -15.43
CA LEU A 82 -23.03 4.41 -15.33
C LEU A 82 -23.68 4.81 -16.66
N ASN A 83 -24.86 5.44 -16.58
CA ASN A 83 -25.62 5.92 -17.74
C ASN A 83 -25.96 4.81 -18.75
N GLY A 84 -26.22 3.62 -18.22
CA GLY A 84 -26.52 2.47 -19.06
C GLY A 84 -25.37 1.69 -19.66
N SER A 85 -24.12 2.08 -19.38
CA SER A 85 -22.98 1.34 -19.97
C SER A 85 -21.82 1.05 -19.01
N TRP A 86 -21.22 -0.13 -19.23
CA TRP A 86 -20.07 -0.59 -18.45
C TRP A 86 -18.82 0.16 -18.93
N GLY A 87 -18.07 0.70 -17.97
CA GLY A 87 -16.77 1.33 -18.25
C GLY A 87 -15.68 0.31 -18.42
N SER A 88 -14.44 0.69 -18.09
CA SER A 88 -13.29 -0.22 -18.24
C SER A 88 -13.18 -1.16 -17.05
N GLU A 89 -12.82 -2.41 -17.31
CA GLU A 89 -12.60 -3.40 -16.26
C GLU A 89 -11.21 -3.21 -15.65
N GLU A 90 -11.14 -3.34 -14.32
CA GLU A 90 -9.88 -3.45 -13.61
C GLU A 90 -9.82 -4.87 -13.08
N LYS A 91 -8.73 -5.56 -13.39
CA LYS A 91 -8.56 -6.98 -13.08
C LYS A 91 -7.38 -7.30 -12.16
N LYS A 92 -6.39 -6.40 -12.05
CA LYS A 92 -5.16 -6.73 -11.34
C LYS A 92 -5.39 -7.04 -9.85
N ILE A 93 -4.70 -8.06 -9.36
CA ILE A 93 -4.75 -8.52 -7.96
C ILE A 93 -3.39 -9.15 -7.63
N THR A 94 -3.05 -9.21 -6.34
CA THR A 94 -1.89 -10.00 -5.89
C THR A 94 -2.30 -11.36 -5.33
N HIS A 95 -3.60 -11.57 -5.15
CA HIS A 95 -4.14 -12.85 -4.72
C HIS A 95 -5.63 -12.97 -5.03
N ASN A 96 -6.08 -14.21 -5.18
CA ASN A 96 -7.47 -14.52 -5.42
C ASN A 96 -7.97 -15.35 -4.24
N PRO A 97 -8.78 -14.75 -3.35
CA PRO A 97 -9.38 -15.48 -2.24
C PRO A 97 -10.67 -16.23 -2.63
N PHE A 98 -11.19 -16.02 -3.85
CA PHE A 98 -12.48 -16.63 -4.27
C PHE A 98 -12.33 -17.95 -5.04
N GLY A 99 -11.32 -18.75 -4.67
CA GLY A 99 -11.13 -20.07 -5.24
C GLY A 99 -12.29 -20.98 -4.91
N PRO A 100 -12.61 -21.94 -5.80
CA PRO A 100 -13.69 -22.90 -5.52
C PRO A 100 -13.60 -23.53 -4.11
N GLY A 101 -14.73 -23.53 -3.41
CA GLY A 101 -14.82 -24.15 -2.08
C GLY A 101 -14.11 -23.41 -0.96
N GLN A 102 -13.76 -22.14 -1.17
CA GLN A 102 -13.08 -21.33 -0.14
C GLN A 102 -14.07 -20.42 0.57
N PHE A 103 -13.81 -20.21 1.87
CA PHE A 103 -14.48 -19.18 2.66
C PHE A 103 -13.67 -17.91 2.48
N PHE A 104 -14.35 -16.76 2.46
CA PHE A 104 -13.69 -15.45 2.36
C PHE A 104 -14.31 -14.46 3.35
N ASP A 105 -13.49 -13.50 3.80
CA ASP A 105 -13.90 -12.39 4.70
C ASP A 105 -13.51 -11.05 4.04
N LEU A 106 -14.49 -10.40 3.40
CA LEU A 106 -14.25 -9.12 2.69
C LEU A 106 -14.56 -7.89 3.52
N SER A 107 -13.68 -6.90 3.43
CA SER A 107 -13.85 -5.60 4.05
C SER A 107 -13.74 -4.55 2.94
N ILE A 108 -14.84 -3.85 2.68
CA ILE A 108 -14.93 -2.85 1.64
C ILE A 108 -15.14 -1.51 2.34
N ARG A 109 -14.19 -0.59 2.18
CA ARG A 109 -14.29 0.74 2.79
C ARG A 109 -14.44 1.80 1.70
N CYS A 110 -15.52 2.58 1.76
CA CYS A 110 -15.69 3.73 0.87
C CYS A 110 -14.83 4.89 1.37
N GLY A 111 -13.70 5.12 0.68
CA GLY A 111 -12.85 6.28 0.93
C GLY A 111 -13.31 7.51 0.19
N LEU A 112 -12.54 8.59 0.32
CA LEU A 112 -12.86 9.86 -0.33
C LEU A 112 -12.64 9.79 -1.85
N ASP A 113 -11.50 9.24 -2.27
CA ASP A 113 -11.17 9.09 -3.70
C ASP A 113 -11.23 7.65 -4.23
N ARG A 114 -11.35 6.66 -3.34
CA ARG A 114 -11.39 5.26 -3.76
C ARG A 114 -12.16 4.37 -2.80
N PHE A 115 -12.61 3.23 -3.32
CA PHE A 115 -13.00 2.12 -2.46
C PHE A 115 -11.70 1.42 -2.09
N LYS A 116 -11.60 0.99 -0.83
CA LYS A 116 -10.45 0.21 -0.34
C LYS A 116 -10.95 -1.17 0.04
N VAL A 117 -10.43 -2.20 -0.63
CA VAL A 117 -10.95 -3.56 -0.46
C VAL A 117 -9.89 -4.53 0.04
N TYR A 118 -10.22 -5.20 1.15
CA TYR A 118 -9.39 -6.19 1.81
C TYR A 118 -10.11 -7.54 1.91
N ALA A 119 -9.37 -8.63 1.66
CA ALA A 119 -9.88 -10.00 1.77
C ALA A 119 -8.99 -10.78 2.74
N ASN A 120 -9.60 -11.28 3.82
CA ASN A 120 -8.92 -12.01 4.90
C ASN A 120 -7.81 -11.20 5.58
N GLY A 121 -8.01 -9.90 5.65
CA GLY A 121 -7.02 -8.98 6.19
C GLY A 121 -5.92 -8.57 5.22
N GLN A 122 -5.94 -9.09 3.99
CA GLN A 122 -4.95 -8.72 2.97
C GLN A 122 -5.57 -7.79 1.97
N HIS A 123 -4.89 -6.68 1.68
CA HIS A 123 -5.34 -5.75 0.67
C HIS A 123 -5.59 -6.48 -0.66
N LEU A 124 -6.76 -6.26 -1.26
CA LEU A 124 -7.12 -6.94 -2.50
C LEU A 124 -7.07 -6.00 -3.70
N PHE A 125 -7.84 -4.92 -3.62
CA PHE A 125 -7.80 -3.88 -4.63
C PHE A 125 -8.23 -2.54 -4.09
N ASP A 126 -7.81 -1.50 -4.79
CA ASP A 126 -8.41 -0.18 -4.71
C ASP A 126 -9.09 0.10 -6.03
N PHE A 127 -10.22 0.79 -5.95
CA PHE A 127 -11.01 1.15 -7.10
C PHE A 127 -11.37 2.62 -6.94
N ALA A 128 -10.79 3.48 -7.77
CA ALA A 128 -11.03 4.93 -7.68
C ALA A 128 -12.46 5.22 -8.11
N HIS A 129 -13.11 6.15 -7.42
CA HIS A 129 -14.48 6.51 -7.73
C HIS A 129 -14.58 7.05 -9.15
N ARG A 130 -15.55 6.53 -9.90
CA ARG A 130 -15.90 7.02 -11.23
C ARG A 130 -17.24 7.74 -11.15
N LEU A 131 -18.19 7.15 -10.42
CA LEU A 131 -19.35 7.89 -9.93
C LEU A 131 -18.79 8.77 -8.83
N SER A 132 -18.59 10.04 -9.15
CA SER A 132 -17.85 10.97 -8.27
C SER A 132 -18.54 11.12 -6.93
N ALA A 133 -19.82 11.51 -6.96
CA ALA A 133 -20.60 11.71 -5.75
C ALA A 133 -21.07 10.36 -5.20
N PHE A 134 -20.12 9.64 -4.61
CA PHE A 134 -20.36 8.29 -4.06
C PHE A 134 -21.48 8.21 -3.02
N GLN A 135 -21.78 9.33 -2.38
CA GLN A 135 -22.95 9.47 -1.48
C GLN A 135 -24.27 8.94 -2.04
N ARG A 136 -24.45 9.09 -3.36
CA ARG A 136 -25.68 8.64 -4.05
C ARG A 136 -26.02 7.15 -3.89
N VAL A 137 -25.02 6.30 -3.70
CA VAL A 137 -25.21 4.85 -3.54
C VAL A 137 -26.05 4.57 -2.28
N ASP A 138 -27.15 3.83 -2.48
CA ASP A 138 -28.05 3.46 -1.39
C ASP A 138 -28.47 1.96 -1.38
N THR A 139 -27.84 1.14 -2.22
CA THR A 139 -28.20 -0.27 -2.36
C THR A 139 -26.95 -1.15 -2.48
N LEU A 140 -26.78 -2.06 -1.52
CA LEU A 140 -25.81 -3.15 -1.64
C LEU A 140 -26.54 -4.34 -2.23
N GLU A 141 -26.00 -4.88 -3.30
CA GLU A 141 -26.63 -5.96 -4.05
C GLU A 141 -25.61 -7.08 -4.24
N ILE A 142 -25.93 -8.27 -3.74
CA ILE A 142 -25.10 -9.46 -3.97
C ILE A 142 -25.96 -10.49 -4.69
N GLN A 143 -25.38 -11.07 -5.74
CA GLN A 143 -26.09 -11.98 -6.65
C GLN A 143 -25.14 -13.07 -7.12
N GLY A 144 -25.69 -14.18 -7.59
CA GLY A 144 -24.89 -15.25 -8.20
C GLY A 144 -24.46 -16.38 -7.28
N ASP A 145 -23.36 -17.03 -7.64
CA ASP A 145 -22.91 -18.29 -7.02
C ASP A 145 -22.10 -18.03 -5.76
N VAL A 146 -22.79 -17.68 -4.69
CA VAL A 146 -22.11 -17.42 -3.42
C VAL A 146 -23.07 -17.72 -2.26
N THR A 147 -22.49 -18.16 -1.15
CA THR A 147 -23.25 -18.41 0.08
C THR A 147 -22.74 -17.41 1.10
N LEU A 148 -23.66 -16.66 1.69
CA LEU A 148 -23.32 -15.58 2.61
C LEU A 148 -23.58 -16.04 4.03
N SER A 149 -22.56 -15.91 4.89
CA SER A 149 -22.70 -16.21 6.32
C SER A 149 -22.98 -14.97 7.16
N TYR A 150 -22.50 -13.79 6.72
CA TYR A 150 -22.63 -12.55 7.49
C TYR A 150 -22.44 -11.29 6.63
N VAL A 151 -23.37 -10.34 6.72
CA VAL A 151 -23.31 -9.08 5.96
C VAL A 151 -23.69 -7.90 6.85
N GLN A 152 -22.70 -7.04 7.11
CA GLN A 152 -22.86 -5.85 7.94
C GLN A 152 -22.71 -4.62 7.05
N ILE A 153 -23.78 -3.83 6.95
CA ILE A 153 -23.79 -2.59 6.16
C ILE A 153 -23.51 -1.39 7.06
N PRO B 16 34.28 3.04 14.29
CA PRO B 16 33.71 2.64 15.55
C PRO B 16 32.18 2.48 15.52
N THR B 17 31.66 1.77 16.51
CA THR B 17 30.20 1.61 16.71
C THR B 17 29.63 2.80 17.49
N PHE B 18 30.39 3.28 18.47
CA PHE B 18 29.93 4.40 19.31
C PHE B 18 30.46 5.76 18.86
N ASN B 19 29.56 6.73 18.86
CA ASN B 19 29.81 8.10 18.39
C ASN B 19 30.55 8.24 17.04
N PRO B 20 30.29 7.33 16.08
CA PRO B 20 31.10 7.42 14.87
C PRO B 20 30.87 8.76 14.18
N PRO B 21 31.92 9.33 13.58
CA PRO B 21 31.76 10.65 12.99
C PRO B 21 31.02 10.58 11.67
N VAL B 22 30.51 11.72 11.21
CA VAL B 22 29.81 11.83 9.93
C VAL B 22 30.75 12.56 8.96
N PRO B 23 30.99 12.05 7.75
CA PRO B 23 30.25 10.93 7.14
C PRO B 23 30.68 9.53 7.58
N TYR B 24 29.68 8.69 7.85
CA TYR B 24 29.88 7.29 8.21
C TYR B 24 30.01 6.45 6.95
N PHE B 25 30.97 5.52 6.98
CA PHE B 25 31.17 4.55 5.89
C PHE B 25 31.38 3.17 6.50
N GLY B 26 30.32 2.35 6.47
CA GLY B 26 30.37 1.00 7.03
C GLY B 26 30.19 -0.06 5.97
N ARG B 27 31.02 -1.10 6.03
CA ARG B 27 30.90 -2.27 5.16
C ARG B 27 30.05 -3.33 5.88
N LEU B 28 29.00 -3.80 5.21
CA LEU B 28 28.12 -4.85 5.73
C LEU B 28 28.63 -6.20 5.23
N GLN B 29 29.41 -6.90 6.07
CA GLN B 29 30.07 -8.16 5.69
C GLN B 29 29.08 -9.26 5.32
N GLY B 30 29.22 -9.77 4.09
CA GLY B 30 28.32 -10.79 3.54
C GLY B 30 27.12 -10.25 2.80
N GLY B 31 27.01 -8.92 2.66
CA GLY B 31 25.88 -8.29 2.01
C GLY B 31 24.64 -8.25 2.89
N LEU B 32 23.61 -7.56 2.40
CA LEU B 32 22.37 -7.38 3.16
C LEU B 32 21.53 -8.66 3.12
N THR B 33 21.42 -9.33 4.27
CA THR B 33 20.63 -10.56 4.36
C THR B 33 19.19 -10.24 4.74
N ALA B 34 18.29 -11.16 4.42
CA ALA B 34 16.87 -11.03 4.77
C ALA B 34 16.56 -11.08 6.27
N ARG B 35 17.57 -11.38 7.10
CA ARG B 35 17.44 -11.31 8.56
C ARG B 35 17.92 -9.98 9.14
N ARG B 36 19.09 -9.51 8.70
CA ARG B 36 19.85 -8.52 9.49
C ARG B 36 19.12 -7.18 9.71
N THR B 37 19.19 -6.72 10.96
CA THR B 37 18.71 -5.40 11.36
C THR B 37 19.93 -4.47 11.47
N ILE B 38 19.68 -3.19 11.25
CA ILE B 38 20.69 -2.14 11.46
C ILE B 38 20.11 -1.08 12.40
N ILE B 39 20.83 -0.83 13.49
CA ILE B 39 20.49 0.22 14.46
C ILE B 39 21.25 1.50 14.12
N ILE B 40 20.54 2.62 14.14
CA ILE B 40 21.13 3.96 13.98
C ILE B 40 20.47 4.87 15.01
N LYS B 41 21.20 5.20 16.08
CA LYS B 41 20.76 6.19 17.08
C LYS B 41 21.46 7.52 16.83
N GLY B 42 20.71 8.61 16.89
CA GLY B 42 21.24 9.91 16.49
C GLY B 42 20.44 11.09 16.98
N TYR B 43 21.01 12.26 16.72
CA TYR B 43 20.50 13.55 17.13
C TYR B 43 20.47 14.45 15.92
N VAL B 44 19.32 15.08 15.66
CA VAL B 44 19.23 16.08 14.61
C VAL B 44 19.54 17.44 15.25
N PRO B 45 20.59 18.15 14.77
CA PRO B 45 20.95 19.44 15.35
C PRO B 45 19.88 20.51 15.10
N PRO B 46 19.75 21.51 16.00
CA PRO B 46 18.75 22.57 15.76
C PRO B 46 18.96 23.41 14.49
N THR B 47 20.18 23.43 13.97
CA THR B 47 20.50 24.14 12.72
C THR B 47 20.36 23.27 11.46
N GLY B 48 20.22 21.95 11.61
CA GLY B 48 20.25 21.00 10.48
C GLY B 48 19.18 21.21 9.43
N LYS B 49 19.54 21.03 8.16
CA LYS B 49 18.61 21.11 7.03
C LYS B 49 18.29 19.76 6.39
N SER B 50 19.27 18.87 6.34
CA SER B 50 19.12 17.58 5.67
C SER B 50 20.19 16.58 6.12
N PHE B 51 19.81 15.30 6.23
CA PHE B 51 20.80 14.22 6.33
C PHE B 51 20.30 12.99 5.59
N ALA B 52 21.20 12.08 5.21
CA ALA B 52 20.84 10.94 4.40
C ALA B 52 21.49 9.65 4.87
N ILE B 53 20.67 8.60 5.02
CA ILE B 53 21.14 7.24 5.28
C ILE B 53 21.03 6.48 3.96
N ASN B 54 22.16 5.94 3.50
CA ASN B 54 22.27 5.27 2.19
C ASN B 54 22.74 3.81 2.25
N PHE B 55 21.83 2.90 1.93
CA PHE B 55 22.15 1.47 1.77
C PHE B 55 22.56 1.22 0.33
N LYS B 56 23.85 0.98 0.11
CA LYS B 56 24.45 1.10 -1.20
C LYS B 56 25.05 -0.23 -1.70
N VAL B 57 24.91 -0.49 -3.00
CA VAL B 57 25.69 -1.53 -3.69
C VAL B 57 27.06 -0.94 -3.96
N GLY B 58 28.03 -1.29 -3.11
CA GLY B 58 29.39 -0.74 -3.20
C GLY B 58 29.46 0.64 -2.60
N SER B 59 30.68 1.13 -2.41
CA SER B 59 30.89 2.49 -1.90
C SER B 59 30.55 3.61 -2.92
N SER B 60 30.44 3.25 -4.21
CA SER B 60 30.11 4.22 -5.26
C SER B 60 29.18 3.69 -6.37
N GLY B 61 28.32 2.72 -6.03
CA GLY B 61 27.34 2.14 -6.97
C GLY B 61 25.89 2.47 -6.62
N ASP B 62 24.97 1.54 -6.93
CA ASP B 62 23.53 1.77 -6.71
C ASP B 62 23.18 2.01 -5.24
N ILE B 63 22.20 2.88 -4.99
CA ILE B 63 21.63 3.09 -3.65
C ILE B 63 20.28 2.39 -3.65
N ALA B 64 20.22 1.27 -2.95
CA ALA B 64 19.01 0.45 -2.85
C ALA B 64 17.93 1.16 -2.06
N LEU B 65 18.33 1.79 -0.94
CA LEU B 65 17.43 2.59 -0.12
C LEU B 65 18.13 3.87 0.33
N HIS B 66 17.52 5.01 -0.01
CA HIS B 66 17.99 6.34 0.33
C HIS B 66 16.96 6.91 1.29
N ILE B 67 17.33 7.10 2.55
CA ILE B 67 16.40 7.70 3.52
C ILE B 67 16.92 9.11 3.81
N ASN B 68 16.08 10.12 3.60
CA ASN B 68 16.53 11.50 3.62
C ASN B 68 15.52 12.43 4.30
N PRO B 69 15.65 12.58 5.64
CA PRO B 69 14.82 13.59 6.29
C PRO B 69 15.30 15.00 5.98
N ARG B 70 14.34 15.88 5.67
CA ARG B 70 14.63 17.28 5.36
C ARG B 70 13.89 18.13 6.37
N MET B 71 14.64 18.83 7.21
CA MET B 71 14.09 19.62 8.33
C MET B 71 13.22 20.79 7.87
N GLY B 72 13.64 21.44 6.78
CA GLY B 72 12.96 22.64 6.24
C GLY B 72 11.49 22.50 5.93
N ASN B 73 11.13 21.40 5.26
CA ASN B 73 9.72 21.07 4.95
C ASN B 73 9.14 19.91 5.75
N GLY B 74 9.94 19.28 6.62
CA GLY B 74 9.46 18.27 7.56
C GLY B 74 9.10 16.94 6.91
N THR B 75 9.94 16.52 5.97
CA THR B 75 9.66 15.36 5.15
C THR B 75 10.73 14.30 5.34
N VAL B 76 10.33 13.04 5.16
CA VAL B 76 11.25 11.91 5.10
C VAL B 76 11.15 11.35 3.69
N VAL B 77 12.11 11.72 2.85
CA VAL B 77 12.17 11.22 1.48
C VAL B 77 12.83 9.85 1.46
N ARG B 78 12.16 8.90 0.79
CA ARG B 78 12.76 7.61 0.47
C ARG B 78 12.70 7.39 -1.02
N ASN B 79 13.76 6.79 -1.54
CA ASN B 79 13.94 6.60 -2.97
C ASN B 79 15.05 5.56 -3.19
N SER B 80 15.22 5.15 -4.45
CA SER B 80 16.36 4.35 -4.88
C SER B 80 17.06 5.03 -6.06
N LEU B 81 18.40 4.96 -6.08
CA LEU B 81 19.21 5.43 -7.20
C LEU B 81 19.80 4.22 -7.92
N LEU B 82 19.06 3.73 -8.92
CA LEU B 82 19.50 2.61 -9.72
C LEU B 82 19.90 3.11 -11.11
N ASN B 83 21.09 2.71 -11.54
CA ASN B 83 21.64 3.02 -12.87
C ASN B 83 21.81 4.53 -13.14
N GLY B 84 22.23 5.25 -12.10
CA GLY B 84 22.43 6.70 -12.16
C GLY B 84 21.20 7.60 -12.03
N SER B 85 20.00 7.02 -12.07
CA SER B 85 18.76 7.80 -12.06
C SER B 85 17.96 7.55 -10.79
N TRP B 86 17.40 8.62 -10.23
CA TRP B 86 16.50 8.53 -9.08
C TRP B 86 15.13 8.06 -9.54
N GLY B 87 14.51 7.22 -8.72
CA GLY B 87 13.16 6.75 -8.98
C GLY B 87 12.12 7.72 -8.44
N SER B 88 10.99 7.17 -8.03
CA SER B 88 9.84 7.94 -7.57
C SER B 88 9.85 8.01 -6.04
N GLU B 89 9.62 9.20 -5.50
CA GLU B 89 9.80 9.45 -4.07
C GLU B 89 8.62 8.93 -3.26
N GLU B 90 8.92 8.24 -2.17
CA GLU B 90 7.90 7.80 -1.22
C GLU B 90 8.06 8.65 0.03
N LYS B 91 7.01 9.42 0.35
CA LYS B 91 7.02 10.42 1.43
C LYS B 91 6.09 10.12 2.60
N LYS B 92 5.22 9.11 2.45
CA LYS B 92 4.18 8.82 3.45
C LYS B 92 4.75 8.46 4.84
N ILE B 93 4.24 9.12 5.87
CA ILE B 93 4.57 8.84 7.26
C ILE B 93 3.33 9.10 8.13
N THR B 94 3.22 8.41 9.25
CA THR B 94 2.27 8.77 10.32
C THR B 94 2.91 9.72 11.35
N HIS B 95 4.24 9.76 11.39
CA HIS B 95 4.97 10.64 12.29
C HIS B 95 6.36 10.98 11.75
N ASN B 96 6.90 12.11 12.21
CA ASN B 96 8.27 12.50 11.93
C ASN B 96 9.11 12.61 13.21
N PRO B 97 10.06 11.67 13.42
CA PRO B 97 10.93 11.71 14.61
C PRO B 97 12.20 12.52 14.40
N PHE B 98 12.34 13.22 13.27
CA PHE B 98 13.58 13.90 12.90
C PHE B 98 13.51 15.43 13.06
N GLY B 99 12.60 15.90 13.93
CA GLY B 99 12.49 17.32 14.22
C GLY B 99 13.82 17.87 14.69
N PRO B 100 14.08 19.16 14.44
CA PRO B 100 15.33 19.74 14.94
C PRO B 100 15.42 19.64 16.47
N GLY B 101 16.61 19.29 16.96
CA GLY B 101 16.84 19.09 18.40
C GLY B 101 16.34 17.78 18.99
N GLN B 102 15.89 16.84 18.13
CA GLN B 102 15.36 15.56 18.62
C GLN B 102 16.41 14.45 18.52
N PHE B 103 16.47 13.63 19.56
CA PHE B 103 17.13 12.34 19.51
C PHE B 103 16.19 11.35 18.82
N PHE B 104 16.76 10.41 18.08
CA PHE B 104 15.99 9.38 17.39
C PHE B 104 16.73 8.04 17.50
N ASP B 105 15.97 6.97 17.28
CA ASP B 105 16.44 5.59 17.40
C ASP B 105 15.83 4.79 16.26
N LEU B 106 16.60 4.61 15.17
CA LEU B 106 16.13 3.86 14.00
C LEU B 106 16.49 2.38 14.07
N SER B 107 15.49 1.56 13.76
CA SER B 107 15.66 0.13 13.51
C SER B 107 15.43 -0.03 12.01
N ILE B 108 16.33 -0.73 11.32
CA ILE B 108 16.20 -0.94 9.88
C ILE B 108 16.36 -2.42 9.55
N ARG B 109 15.24 -3.09 9.28
CA ARG B 109 15.20 -4.51 8.99
C ARG B 109 14.89 -4.72 7.52
N CYS B 110 15.64 -5.62 6.88
CA CYS B 110 15.44 -5.96 5.48
C CYS B 110 14.69 -7.27 5.41
N GLY B 111 13.40 -7.22 5.12
CA GLY B 111 12.59 -8.43 4.88
C GLY B 111 12.94 -9.09 3.56
N LEU B 112 12.02 -9.92 3.05
CA LEU B 112 12.18 -10.49 1.72
C LEU B 112 11.69 -9.49 0.67
N ASP B 113 10.54 -8.86 0.92
CA ASP B 113 9.92 -7.91 -0.01
C ASP B 113 10.06 -6.43 0.41
N ARG B 114 10.66 -6.19 1.58
CA ARG B 114 10.37 -4.98 2.33
C ARG B 114 11.50 -4.57 3.28
N PHE B 115 11.92 -3.32 3.19
CA PHE B 115 12.61 -2.69 4.32
C PHE B 115 11.51 -2.25 5.27
N LYS B 116 11.62 -2.63 6.54
CA LYS B 116 10.67 -2.19 7.56
C LYS B 116 11.48 -1.31 8.51
N VAL B 117 11.18 -0.01 8.53
CA VAL B 117 11.93 0.94 9.34
C VAL B 117 11.02 1.43 10.46
N TYR B 118 11.56 1.37 11.68
CA TYR B 118 10.91 1.87 12.89
C TYR B 118 11.73 2.99 13.47
N ALA B 119 11.07 3.89 14.19
CA ALA B 119 11.71 5.02 14.85
C ALA B 119 11.16 5.14 16.26
N ASN B 120 12.06 5.01 17.24
CA ASN B 120 11.71 5.06 18.66
C ASN B 120 10.66 3.98 19.03
N GLY B 121 10.80 2.81 18.40
CA GLY B 121 9.88 1.70 18.57
C GLY B 121 8.63 1.70 17.71
N GLN B 122 8.36 2.79 16.98
CA GLN B 122 7.10 2.98 16.26
C GLN B 122 7.31 2.87 14.78
N HIS B 123 6.43 2.11 14.10
CA HIS B 123 6.55 1.92 12.67
C HIS B 123 6.61 3.28 11.99
N LEU B 124 7.66 3.49 11.19
CA LEU B 124 7.83 4.73 10.45
C LEU B 124 7.43 4.48 8.99
N PHE B 125 8.07 3.52 8.33
CA PHE B 125 7.68 3.15 6.97
C PHE B 125 8.13 1.76 6.52
N ASP B 126 7.51 1.30 5.43
CA ASP B 126 7.89 0.11 4.70
C ASP B 126 8.35 0.59 3.33
N PHE B 127 9.47 0.06 2.84
CA PHE B 127 9.97 0.38 1.49
C PHE B 127 10.11 -0.93 0.68
N ALA B 128 9.17 -1.14 -0.24
CA ALA B 128 9.21 -2.30 -1.16
C ALA B 128 10.52 -2.32 -1.93
N HIS B 129 11.21 -3.46 -1.95
CA HIS B 129 12.48 -3.58 -2.68
C HIS B 129 12.35 -3.23 -4.15
N ARG B 130 13.26 -2.37 -4.62
CA ARG B 130 13.34 -1.98 -6.03
C ARG B 130 14.55 -2.64 -6.65
N LEU B 131 15.70 -2.51 -5.98
CA LEU B 131 16.83 -3.40 -6.25
C LEU B 131 16.37 -4.77 -5.76
N SER B 132 15.89 -5.58 -6.71
CA SER B 132 15.21 -6.84 -6.41
C SER B 132 16.11 -7.90 -5.79
N ALA B 133 17.41 -7.87 -6.10
CA ALA B 133 18.40 -8.72 -5.45
C ALA B 133 19.04 -7.92 -4.33
N PHE B 134 18.29 -7.74 -3.24
CA PHE B 134 18.74 -6.93 -2.08
C PHE B 134 20.02 -7.43 -1.39
N GLN B 135 20.43 -8.66 -1.67
CA GLN B 135 21.68 -9.21 -1.12
C GLN B 135 22.94 -8.58 -1.71
N ARG B 136 22.80 -7.85 -2.82
CA ARG B 136 23.92 -7.08 -3.39
C ARG B 136 24.38 -5.88 -2.53
N VAL B 137 23.52 -5.39 -1.63
CA VAL B 137 23.84 -4.21 -0.79
C VAL B 137 24.91 -4.55 0.24
N ASP B 138 26.03 -3.85 0.19
CA ASP B 138 27.20 -4.16 1.02
C ASP B 138 27.79 -2.98 1.81
N THR B 139 27.18 -1.80 1.72
CA THR B 139 27.72 -0.59 2.32
C THR B 139 26.62 0.22 2.97
N LEU B 140 26.83 0.60 4.22
CA LEU B 140 25.98 1.57 4.91
C LEU B 140 26.72 2.90 4.93
N GLU B 141 26.01 3.97 4.59
CA GLU B 141 26.60 5.29 4.44
C GLU B 141 25.65 6.33 5.01
N ILE B 142 26.15 7.17 5.92
CA ILE B 142 25.33 8.21 6.56
C ILE B 142 26.07 9.54 6.47
N GLN B 143 25.36 10.58 6.04
CA GLN B 143 25.98 11.89 5.79
C GLN B 143 25.05 13.05 6.07
N GLY B 144 25.65 14.22 6.25
CA GLY B 144 24.92 15.49 6.33
C GLY B 144 24.68 15.96 7.75
N ASP B 145 23.55 16.62 7.96
CA ASP B 145 23.24 17.30 9.23
C ASP B 145 22.68 16.35 10.28
N VAL B 146 23.54 15.46 10.77
CA VAL B 146 23.19 14.54 11.86
C VAL B 146 24.43 14.23 12.70
N THR B 147 24.22 14.00 13.99
CA THR B 147 25.26 13.52 14.90
C THR B 147 24.86 12.11 15.36
N LEU B 148 25.74 11.15 15.10
CA LEU B 148 25.47 9.75 15.40
C LEU B 148 26.03 9.40 16.77
N SER B 149 25.19 8.81 17.62
CA SER B 149 25.58 8.27 18.93
C SER B 149 25.92 6.77 18.89
N TYR B 150 25.33 6.03 17.95
CA TYR B 150 25.47 4.58 17.90
C TYR B 150 24.97 4.00 16.58
N VAL B 151 25.81 3.18 15.95
CA VAL B 151 25.43 2.47 14.72
C VAL B 151 25.83 0.99 14.79
N GLN B 152 24.82 0.11 14.82
CA GLN B 152 25.04 -1.33 14.87
C GLN B 152 24.69 -1.99 13.54
N ILE B 153 25.66 -2.72 13.00
CA ILE B 153 25.51 -3.46 11.74
C ILE B 153 25.72 -4.97 11.99
N GLY C 14 -14.64 39.27 4.17
CA GLY C 14 -14.14 40.00 5.37
C GLY C 14 -12.62 40.07 5.47
N PRO C 15 -12.08 41.04 6.24
CA PRO C 15 -10.64 41.23 6.32
C PRO C 15 -9.99 40.22 7.27
N PRO C 16 -8.66 40.06 7.20
CA PRO C 16 -8.00 39.17 8.14
C PRO C 16 -7.90 39.80 9.52
N THR C 17 -7.84 38.96 10.55
CA THR C 17 -7.50 39.42 11.89
C THR C 17 -6.01 39.19 12.07
N PHE C 18 -5.30 40.26 12.40
CA PHE C 18 -3.85 40.21 12.56
C PHE C 18 -3.49 39.93 14.00
N ASN C 19 -2.49 39.06 14.19
CA ASN C 19 -1.97 38.64 15.50
C ASN C 19 -3.05 38.40 16.57
N PRO C 20 -4.03 37.53 16.27
CA PRO C 20 -5.03 37.18 17.28
C PRO C 20 -4.40 36.35 18.39
N PRO C 21 -4.51 36.82 19.65
CA PRO C 21 -3.87 36.03 20.71
C PRO C 21 -4.53 34.66 20.89
N VAL C 22 -3.76 33.73 21.45
CA VAL C 22 -4.20 32.37 21.74
C VAL C 22 -4.55 32.29 23.25
N PRO C 23 -5.68 31.70 23.65
CA PRO C 23 -6.64 31.02 22.76
C PRO C 23 -7.49 31.97 21.92
N TYR C 24 -7.73 31.56 20.67
CA TYR C 24 -8.46 32.32 19.67
C TYR C 24 -9.82 31.66 19.43
N PHE C 25 -10.88 32.45 19.55
CA PHE C 25 -12.26 31.99 19.34
C PHE C 25 -12.91 32.80 18.24
N GLY C 26 -12.60 32.45 17.00
CA GLY C 26 -13.11 33.16 15.83
C GLY C 26 -14.47 32.62 15.42
N ARG C 27 -15.40 33.54 15.19
CA ARG C 27 -16.73 33.19 14.70
C ARG C 27 -16.70 32.99 13.19
N LEU C 28 -17.32 31.90 12.73
CA LEU C 28 -17.51 31.65 11.31
C LEU C 28 -18.91 32.13 10.89
N GLN C 29 -18.95 33.39 10.44
CA GLN C 29 -20.12 34.00 9.78
C GLN C 29 -20.87 33.07 8.82
N GLY C 30 -22.20 33.11 8.89
CA GLY C 30 -23.06 32.27 8.07
C GLY C 30 -22.91 30.76 8.25
N GLY C 31 -22.23 30.34 9.32
CA GLY C 31 -21.80 28.95 9.47
C GLY C 31 -20.70 28.56 8.50
N LEU C 32 -20.13 27.38 8.69
CA LEU C 32 -19.10 26.87 7.78
C LEU C 32 -19.72 26.68 6.40
N THR C 33 -19.03 27.14 5.37
CA THR C 33 -19.58 27.20 4.01
C THR C 33 -18.65 26.53 3.03
N ALA C 34 -19.25 25.84 2.06
CA ALA C 34 -18.49 25.10 1.05
C ALA C 34 -17.81 26.04 0.06
N ARG C 35 -16.65 25.62 -0.43
CA ARG C 35 -15.85 26.35 -1.43
C ARG C 35 -15.28 27.70 -0.92
N ARG C 36 -15.11 27.80 0.40
CA ARG C 36 -14.45 28.92 1.06
C ARG C 36 -13.21 28.41 1.79
N THR C 37 -12.11 29.14 1.67
CA THR C 37 -10.84 28.72 2.26
C THR C 37 -10.41 29.65 3.39
N ILE C 38 -10.14 29.05 4.55
CA ILE C 38 -9.60 29.72 5.73
C ILE C 38 -8.08 29.65 5.70
N ILE C 39 -7.43 30.80 5.89
CA ILE C 39 -5.97 30.89 6.02
C ILE C 39 -5.64 31.10 7.48
N ILE C 40 -4.72 30.28 8.00
CA ILE C 40 -4.15 30.46 9.34
C ILE C 40 -2.63 30.40 9.17
N LYS C 41 -1.96 31.50 9.50
CA LYS C 41 -0.49 31.54 9.53
C LYS C 41 -0.04 31.67 10.98
N GLY C 42 1.06 31.00 11.32
CA GLY C 42 1.53 31.02 12.69
C GLY C 42 2.91 30.45 12.91
N TYR C 43 3.25 30.34 14.20
CA TYR C 43 4.57 29.94 14.64
C TYR C 43 4.41 28.93 15.75
N VAL C 44 5.18 27.85 15.67
CA VAL C 44 5.25 26.87 16.74
C VAL C 44 6.52 27.20 17.51
N PRO C 45 6.39 27.69 18.77
CA PRO C 45 7.61 28.00 19.53
C PRO C 45 8.45 26.75 19.77
N PRO C 46 9.79 26.88 19.77
CA PRO C 46 10.61 25.67 19.86
C PRO C 46 10.36 24.80 21.10
N THR C 47 9.91 25.42 22.20
CA THR C 47 9.59 24.72 23.45
C THR C 47 8.13 24.21 23.57
N GLY C 48 7.30 24.43 22.55
CA GLY C 48 5.92 23.92 22.54
C GLY C 48 5.84 22.41 22.39
N LYS C 49 4.71 21.85 22.82
CA LYS C 49 4.42 20.42 22.71
C LYS C 49 3.21 20.06 21.86
N SER C 50 2.15 20.87 21.94
CA SER C 50 0.91 20.58 21.24
C SER C 50 0.10 21.85 21.02
N PHE C 51 -0.55 21.95 19.88
CA PHE C 51 -1.64 22.91 19.70
C PHE C 51 -2.73 22.27 18.90
N ALA C 52 -3.91 22.89 18.92
CA ALA C 52 -5.10 22.34 18.32
C ALA C 52 -5.83 23.42 17.54
N ILE C 53 -6.37 23.05 16.36
CA ILE C 53 -7.27 23.88 15.57
C ILE C 53 -8.59 23.11 15.46
N ASN C 54 -9.65 23.64 16.11
CA ASN C 54 -10.98 23.02 16.14
C ASN C 54 -12.03 23.76 15.33
N PHE C 55 -12.75 23.00 14.50
CA PHE C 55 -13.94 23.48 13.82
C PHE C 55 -15.14 23.00 14.62
N LYS C 56 -15.61 23.88 15.48
CA LYS C 56 -16.48 23.52 16.59
C LYS C 56 -17.91 24.03 16.39
N VAL C 57 -18.88 23.24 16.87
CA VAL C 57 -20.28 23.67 16.90
C VAL C 57 -20.46 24.34 18.26
N GLY C 58 -20.62 25.65 18.24
CA GLY C 58 -20.71 26.47 19.45
C GLY C 58 -21.82 26.05 20.40
N SER C 59 -22.98 25.75 19.83
CA SER C 59 -24.15 25.33 20.63
C SER C 59 -23.98 23.97 21.30
N SER C 60 -23.57 22.97 20.52
CA SER C 60 -23.53 21.57 20.97
C SER C 60 -22.18 21.08 21.46
N GLY C 61 -21.11 21.83 21.19
CA GLY C 61 -19.76 21.46 21.63
C GLY C 61 -19.07 20.39 20.82
N ASP C 62 -19.72 19.91 19.75
CA ASP C 62 -19.12 18.92 18.86
C ASP C 62 -18.00 19.57 18.03
N ILE C 63 -16.86 18.89 17.93
CA ILE C 63 -15.78 19.30 17.04
C ILE C 63 -15.86 18.45 15.77
N ALA C 64 -16.17 19.11 14.65
CA ALA C 64 -16.26 18.46 13.34
C ALA C 64 -14.89 18.04 12.81
N LEU C 65 -13.90 18.91 13.02
CA LEU C 65 -12.51 18.64 12.63
C LEU C 65 -11.56 19.20 13.70
N HIS C 66 -10.79 18.31 14.30
CA HIS C 66 -9.79 18.61 15.32
C HIS C 66 -8.43 18.30 14.70
N ILE C 67 -7.63 19.33 14.47
CA ILE C 67 -6.28 19.18 13.92
C ILE C 67 -5.32 19.44 15.07
N ASN C 68 -4.43 18.49 15.34
CA ASN C 68 -3.59 18.53 16.54
C ASN C 68 -2.14 18.11 16.23
N PRO C 69 -1.30 19.07 15.80
CA PRO C 69 0.13 18.79 15.70
C PRO C 69 0.73 18.57 17.07
N ARG C 70 1.54 17.51 17.18
CA ARG C 70 2.24 17.16 18.42
C ARG C 70 3.72 17.05 18.08
N MET C 71 4.50 18.04 18.48
CA MET C 71 5.93 18.09 18.10
C MET C 71 6.81 17.19 18.98
N GLY C 72 6.23 16.58 20.02
CA GLY C 72 6.90 15.53 20.79
C GLY C 72 7.23 14.31 19.97
N ASN C 73 6.24 13.79 19.23
CA ASN C 73 6.44 12.67 18.29
C ASN C 73 6.26 13.07 16.81
N GLY C 74 6.07 14.35 16.54
CA GLY C 74 5.95 14.88 15.19
C GLY C 74 4.77 14.32 14.42
N THR C 75 3.60 14.32 15.06
CA THR C 75 2.36 13.86 14.43
C THR C 75 1.44 15.04 14.12
N VAL C 76 0.53 14.84 13.17
CA VAL C 76 -0.60 15.74 12.93
C VAL C 76 -1.85 14.89 13.06
N VAL C 77 -2.45 14.91 14.24
CA VAL C 77 -3.59 14.06 14.54
C VAL C 77 -4.88 14.75 14.13
N ARG C 78 -5.75 14.04 13.42
CA ARG C 78 -7.07 14.57 13.03
C ARG C 78 -8.18 13.63 13.46
N ASN C 79 -9.28 14.23 13.90
CA ASN C 79 -10.39 13.48 14.47
C ASN C 79 -11.65 14.35 14.51
N SER C 80 -12.73 13.76 15.02
CA SER C 80 -13.96 14.47 15.33
C SER C 80 -14.45 14.07 16.72
N LEU C 81 -14.89 15.07 17.48
CA LEU C 81 -15.52 14.87 18.79
C LEU C 81 -17.02 15.13 18.64
N LEU C 82 -17.79 14.04 18.52
CA LEU C 82 -19.26 14.14 18.41
C LEU C 82 -19.87 13.40 19.59
N ASN C 83 -20.93 13.98 20.17
CA ASN C 83 -21.66 13.38 21.30
C ASN C 83 -20.77 13.03 22.51
N GLY C 84 -19.72 13.82 22.72
CA GLY C 84 -18.74 13.59 23.79
C GLY C 84 -17.65 12.58 23.49
N SER C 85 -17.71 11.90 22.34
CA SER C 85 -16.81 10.80 21.99
C SER C 85 -15.93 11.12 20.78
N TRP C 86 -14.63 10.90 20.92
CA TRP C 86 -13.69 11.02 19.80
C TRP C 86 -13.85 9.87 18.80
N GLY C 87 -13.71 10.18 17.52
CA GLY C 87 -13.82 9.17 16.45
C GLY C 87 -12.52 8.41 16.27
N SER C 88 -12.28 7.94 15.04
CA SER C 88 -10.97 7.35 14.68
C SER C 88 -9.93 8.45 14.43
N GLU C 89 -8.66 8.16 14.72
CA GLU C 89 -7.57 9.13 14.52
C GLU C 89 -6.92 8.97 13.16
N GLU C 90 -6.89 10.05 12.39
CA GLU C 90 -6.15 10.10 11.14
C GLU C 90 -4.80 10.77 11.36
N LYS C 91 -3.74 10.09 10.91
CA LYS C 91 -2.35 10.54 11.09
C LYS C 91 -1.47 10.60 9.82
N LYS C 92 -1.86 9.94 8.72
CA LYS C 92 -1.01 9.91 7.52
C LYS C 92 -0.77 11.32 6.94
N ILE C 93 0.47 11.58 6.56
CA ILE C 93 0.89 12.86 5.98
C ILE C 93 2.03 12.59 4.99
N THR C 94 2.29 13.54 4.07
CA THR C 94 3.52 13.53 3.25
C THR C 94 4.61 14.44 3.81
N HIS C 95 4.25 15.31 4.76
CA HIS C 95 5.19 16.23 5.39
C HIS C 95 4.65 16.75 6.73
N ASN C 96 5.54 17.23 7.59
CA ASN C 96 5.14 17.83 8.86
C ASN C 96 5.70 19.25 8.97
N PRO C 97 4.90 20.25 8.55
CA PRO C 97 5.31 21.65 8.60
C PRO C 97 5.21 22.32 9.98
N PHE C 98 4.94 21.53 11.03
CA PHE C 98 4.78 22.02 12.39
C PHE C 98 5.96 21.64 13.29
N GLY C 99 7.19 21.77 12.78
CA GLY C 99 8.38 21.52 13.58
C GLY C 99 8.66 22.65 14.56
N PRO C 100 9.45 22.39 15.62
CA PRO C 100 9.76 23.44 16.58
C PRO C 100 10.46 24.61 15.89
N GLY C 101 9.96 25.82 16.13
CA GLY C 101 10.52 27.03 15.51
C GLY C 101 10.10 27.30 14.09
N GLN C 102 9.24 26.46 13.49
CA GLN C 102 8.79 26.67 12.12
C GLN C 102 7.65 27.67 12.06
N PHE C 103 7.69 28.51 11.04
CA PHE C 103 6.52 29.26 10.62
C PHE C 103 5.79 28.38 9.64
N PHE C 104 4.47 28.37 9.71
CA PHE C 104 3.63 27.60 8.79
C PHE C 104 2.52 28.50 8.23
N ASP C 105 2.15 28.25 6.98
CA ASP C 105 1.12 28.99 6.26
C ASP C 105 0.03 28.00 5.87
N LEU C 106 -1.03 27.96 6.67
CA LEU C 106 -2.03 26.90 6.60
C LEU C 106 -3.25 27.35 5.81
N SER C 107 -3.83 26.45 5.03
CA SER C 107 -5.09 26.69 4.33
C SER C 107 -6.01 25.47 4.41
N ILE C 108 -7.29 25.74 4.70
CA ILE C 108 -8.28 24.69 4.95
C ILE C 108 -9.51 25.03 4.12
N ARG C 109 -9.70 24.28 3.01
CA ARG C 109 -10.86 24.47 2.13
C ARG C 109 -11.98 23.52 2.52
N CYS C 110 -13.13 24.06 2.88
CA CYS C 110 -14.30 23.25 3.17
C CYS C 110 -14.98 22.86 1.86
N GLY C 111 -14.80 21.62 1.43
CA GLY C 111 -15.46 21.08 0.24
C GLY C 111 -16.79 20.46 0.59
N LEU C 112 -17.45 19.88 -0.42
CA LEU C 112 -18.72 19.19 -0.20
C LEU C 112 -18.59 17.92 0.63
N ASP C 113 -17.64 17.04 0.27
CA ASP C 113 -17.43 15.74 0.97
C ASP C 113 -16.27 15.70 2.00
N ARG C 114 -15.36 16.68 1.95
CA ARG C 114 -14.17 16.66 2.78
C ARG C 114 -13.69 18.05 3.17
N PHE C 115 -12.78 18.10 4.15
CA PHE C 115 -11.89 19.23 4.34
C PHE C 115 -10.62 18.97 3.54
N LYS C 116 -10.13 20.01 2.87
CA LYS C 116 -8.93 19.96 2.05
C LYS C 116 -7.87 20.91 2.64
N VAL C 117 -6.79 20.33 3.16
CA VAL C 117 -5.82 21.07 3.98
C VAL C 117 -4.45 21.11 3.29
N TYR C 118 -3.85 22.29 3.29
CA TYR C 118 -2.55 22.55 2.66
C TYR C 118 -1.70 23.39 3.60
N ALA C 119 -0.40 23.15 3.55
CA ALA C 119 0.58 23.89 4.34
C ALA C 119 1.66 24.40 3.41
N ASN C 120 1.87 25.71 3.43
CA ASN C 120 2.85 26.38 2.57
C ASN C 120 2.67 26.01 1.08
N GLY C 121 1.42 25.93 0.64
CA GLY C 121 1.10 25.60 -0.76
C GLY C 121 1.21 24.15 -1.19
N GLN C 122 1.54 23.26 -0.25
CA GLN C 122 1.67 21.82 -0.46
C GLN C 122 0.51 21.11 0.20
N HIS C 123 -0.07 20.11 -0.47
CA HIS C 123 -1.16 19.33 0.14
C HIS C 123 -0.68 18.60 1.39
N LEU C 124 -1.44 18.74 2.47
CA LEU C 124 -1.08 18.13 3.75
C LEU C 124 -1.95 16.90 4.02
N PHE C 125 -3.28 17.09 4.12
CA PHE C 125 -4.22 15.97 4.26
C PHE C 125 -5.65 16.29 3.80
N ASP C 126 -6.41 15.22 3.57
CA ASP C 126 -7.86 15.30 3.39
C ASP C 126 -8.52 14.73 4.63
N PHE C 127 -9.73 15.20 4.92
CA PHE C 127 -10.50 14.72 6.06
C PHE C 127 -11.98 14.67 5.70
N ALA C 128 -12.52 13.46 5.56
CA ALA C 128 -13.91 13.27 5.18
C ALA C 128 -14.81 13.77 6.30
N HIS C 129 -15.90 14.45 5.93
CA HIS C 129 -16.85 14.94 6.92
C HIS C 129 -17.45 13.78 7.69
N ARG C 130 -17.19 13.75 8.99
CA ARG C 130 -17.86 12.85 9.91
C ARG C 130 -19.13 13.57 10.35
N LEU C 131 -18.95 14.81 10.83
CA LEU C 131 -20.07 15.73 11.02
C LEU C 131 -20.57 16.14 9.64
N SER C 132 -21.64 15.46 9.21
CA SER C 132 -22.15 15.57 7.84
C SER C 132 -22.71 16.95 7.49
N ALA C 133 -23.59 17.49 8.35
CA ALA C 133 -24.07 18.86 8.20
C ALA C 133 -23.01 19.84 8.69
N PHE C 134 -21.95 20.01 7.89
CA PHE C 134 -20.81 20.85 8.26
C PHE C 134 -21.16 22.34 8.44
N GLN C 135 -22.25 22.79 7.80
CA GLN C 135 -22.82 24.13 8.02
C GLN C 135 -23.12 24.49 9.49
N ARG C 136 -23.32 23.49 10.34
CA ARG C 136 -23.54 23.71 11.78
C ARG C 136 -22.32 24.29 12.49
N VAL C 137 -21.12 24.00 11.97
CA VAL C 137 -19.88 24.53 12.54
C VAL C 137 -19.89 26.04 12.41
N ASP C 138 -19.76 26.73 13.55
CA ASP C 138 -19.80 28.20 13.59
C ASP C 138 -18.61 28.84 14.31
N THR C 139 -17.67 28.03 14.79
CA THR C 139 -16.60 28.51 15.67
C THR C 139 -15.28 27.89 15.22
N LEU C 140 -14.32 28.75 14.89
CA LEU C 140 -12.95 28.35 14.67
C LEU C 140 -12.20 28.58 15.97
N GLU C 141 -11.68 27.51 16.55
CA GLU C 141 -11.01 27.57 17.85
C GLU C 141 -9.58 27.11 17.69
N ILE C 142 -8.65 27.91 18.18
CA ILE C 142 -7.22 27.62 18.10
C ILE C 142 -6.62 27.79 19.50
N GLN C 143 -6.13 26.70 20.08
CA GLN C 143 -5.55 26.69 21.43
C GLN C 143 -4.24 25.91 21.50
N GLY C 144 -3.42 26.24 22.50
CA GLY C 144 -2.19 25.51 22.83
C GLY C 144 -0.90 26.27 22.59
N ASP C 145 0.15 25.53 22.28
CA ASP C 145 1.50 26.09 22.11
C ASP C 145 1.67 26.56 20.67
N VAL C 146 1.11 27.73 20.38
CA VAL C 146 1.22 28.35 19.06
C VAL C 146 1.03 29.87 19.15
N THR C 147 1.70 30.59 18.26
CA THR C 147 1.56 32.01 18.10
C THR C 147 0.92 32.26 16.72
N LEU C 148 -0.22 32.95 16.69
CA LEU C 148 -0.95 33.20 15.45
C LEU C 148 -0.57 34.53 14.82
N SER C 149 -0.16 34.50 13.56
CA SER C 149 0.19 35.73 12.84
C SER C 149 -1.04 36.37 12.17
N TYR C 150 -1.89 35.55 11.57
CA TYR C 150 -2.86 36.02 10.59
C TYR C 150 -3.98 34.98 10.49
N VAL C 151 -5.23 35.43 10.59
CA VAL C 151 -6.39 34.53 10.39
C VAL C 151 -7.44 35.20 9.53
N GLN C 152 -7.78 34.54 8.43
CA GLN C 152 -8.72 35.02 7.44
C GLN C 152 -9.66 33.87 7.08
N ILE C 153 -10.96 34.12 7.18
CA ILE C 153 -11.97 33.15 6.77
C ILE C 153 -12.14 33.21 5.24
N GLY D 14 12.65 -33.04 -29.19
CA GLY D 14 11.71 -32.32 -30.10
C GLY D 14 10.25 -32.54 -29.74
N PRO D 15 9.80 -33.81 -29.74
CA PRO D 15 8.40 -34.10 -29.37
C PRO D 15 8.12 -33.87 -27.89
N PRO D 16 6.86 -33.57 -27.55
CA PRO D 16 6.53 -33.42 -26.13
C PRO D 16 6.66 -34.74 -25.36
N THR D 17 6.59 -34.62 -24.04
CA THR D 17 6.58 -35.76 -23.16
C THR D 17 5.16 -35.85 -22.62
N PHE D 18 4.61 -37.06 -22.62
CA PHE D 18 3.23 -37.27 -22.23
C PHE D 18 3.17 -37.88 -20.82
N ASN D 19 2.24 -37.36 -20.01
CA ASN D 19 2.03 -37.80 -18.62
C ASN D 19 3.32 -37.93 -17.79
N PRO D 20 4.20 -36.90 -17.83
CA PRO D 20 5.46 -37.04 -17.11
C PRO D 20 5.23 -37.05 -15.59
N PRO D 21 5.91 -37.93 -14.85
CA PRO D 21 5.65 -38.03 -13.41
C PRO D 21 6.27 -36.87 -12.64
N VAL D 22 5.56 -36.42 -11.62
CA VAL D 22 6.06 -35.41 -10.70
C VAL D 22 6.80 -36.18 -9.57
N PRO D 23 8.00 -35.79 -9.16
CA PRO D 23 8.69 -34.60 -9.68
C PRO D 23 9.32 -34.85 -11.05
N TYR D 24 9.10 -33.89 -11.95
CA TYR D 24 9.63 -33.93 -13.31
C TYR D 24 10.93 -33.16 -13.38
N PHE D 25 11.93 -33.75 -14.04
CA PHE D 25 13.24 -33.14 -14.23
C PHE D 25 13.56 -33.17 -15.73
N GLY D 26 13.31 -32.05 -16.40
CA GLY D 26 13.49 -31.94 -17.84
C GLY D 26 14.82 -31.34 -18.21
N ARG D 27 15.60 -32.05 -19.03
CA ARG D 27 16.82 -31.49 -19.60
C ARG D 27 16.43 -30.46 -20.65
N LEU D 28 17.02 -29.26 -20.57
CA LEU D 28 16.83 -28.25 -21.61
C LEU D 28 17.75 -28.58 -22.80
N GLN D 29 17.64 -27.79 -23.87
CA GLN D 29 18.22 -28.16 -25.18
C GLN D 29 19.75 -28.03 -25.15
N GLY D 30 20.29 -26.83 -25.38
CA GLY D 30 21.69 -26.54 -25.09
C GLY D 30 21.73 -25.87 -23.73
N GLY D 31 20.99 -24.76 -23.65
CA GLY D 31 20.61 -24.15 -22.39
C GLY D 31 19.20 -23.61 -22.52
N LEU D 32 18.83 -22.69 -21.62
CA LEU D 32 17.61 -21.90 -21.77
C LEU D 32 17.85 -20.86 -22.87
N THR D 33 16.96 -20.81 -23.85
CA THR D 33 17.25 -20.12 -25.10
C THR D 33 16.16 -19.10 -25.43
N ALA D 34 16.56 -17.84 -25.59
CA ALA D 34 15.64 -16.77 -25.96
C ALA D 34 14.88 -17.11 -27.26
N ARG D 35 13.60 -16.74 -27.29
CA ARG D 35 12.67 -17.00 -28.41
C ARG D 35 12.14 -18.43 -28.53
N ARG D 36 12.51 -19.33 -27.60
CA ARG D 36 11.93 -20.66 -27.51
C ARG D 36 10.86 -20.66 -26.43
N THR D 37 9.80 -21.45 -26.62
CA THR D 37 8.66 -21.48 -25.69
C THR D 37 8.44 -22.87 -25.09
N ILE D 38 8.47 -22.93 -23.75
CA ILE D 38 8.15 -24.13 -22.99
C ILE D 38 6.63 -24.18 -22.78
N ILE D 39 6.04 -25.32 -23.07
CA ILE D 39 4.63 -25.56 -22.88
C ILE D 39 4.48 -26.55 -21.72
N ILE D 40 3.62 -26.21 -20.77
CA ILE D 40 3.31 -27.09 -19.63
C ILE D 40 1.80 -27.19 -19.48
N LYS D 41 1.24 -28.35 -19.76
CA LYS D 41 -0.19 -28.62 -19.57
C LYS D 41 -0.37 -29.55 -18.39
N GLY D 42 -1.17 -29.12 -17.41
CA GLY D 42 -1.37 -29.88 -16.18
C GLY D 42 -2.75 -29.79 -15.58
N TYR D 43 -2.87 -30.37 -14.38
CA TYR D 43 -4.11 -30.38 -13.59
C TYR D 43 -3.74 -30.21 -12.12
N VAL D 44 -4.39 -29.24 -11.48
CA VAL D 44 -4.22 -29.01 -10.05
C VAL D 44 -5.25 -29.89 -9.34
N PRO D 45 -4.81 -30.84 -8.49
CA PRO D 45 -5.77 -31.68 -7.78
C PRO D 45 -6.59 -30.86 -6.75
N PRO D 46 -7.81 -31.31 -6.43
CA PRO D 46 -8.67 -30.50 -5.55
C PRO D 46 -8.27 -30.50 -4.06
N THR D 47 -7.39 -31.42 -3.65
CA THR D 47 -6.69 -31.34 -2.35
C THR D 47 -5.32 -30.64 -2.48
N GLY D 48 -5.08 -29.97 -3.61
CA GLY D 48 -3.80 -29.34 -3.90
C GLY D 48 -3.51 -28.17 -2.97
N LYS D 49 -2.29 -28.16 -2.45
CA LYS D 49 -1.80 -27.10 -1.57
C LYS D 49 -0.93 -26.15 -2.40
N SER D 50 0.09 -26.72 -3.04
CA SER D 50 1.04 -25.94 -3.82
C SER D 50 1.88 -26.80 -4.75
N PHE D 51 2.48 -26.13 -5.73
CA PHE D 51 3.51 -26.75 -6.57
C PHE D 51 4.47 -25.69 -7.08
N ALA D 52 5.62 -26.14 -7.59
CA ALA D 52 6.61 -25.25 -8.16
C ALA D 52 7.02 -25.67 -9.56
N ILE D 53 7.28 -24.68 -10.42
CA ILE D 53 7.98 -24.84 -11.70
C ILE D 53 9.27 -24.02 -11.57
N ASN D 54 10.42 -24.67 -11.73
CA ASN D 54 11.74 -24.03 -11.57
C ASN D 54 12.57 -24.15 -12.85
N PHE D 55 13.06 -23.00 -13.32
CA PHE D 55 14.13 -22.93 -14.31
C PHE D 55 15.43 -22.79 -13.53
N LYS D 56 16.19 -23.89 -13.49
CA LYS D 56 17.25 -24.08 -12.50
C LYS D 56 18.60 -24.28 -13.18
N VAL D 57 19.62 -23.62 -12.65
CA VAL D 57 21.02 -23.86 -13.05
C VAL D 57 21.42 -25.13 -12.31
N GLY D 58 21.16 -26.27 -12.94
CA GLY D 58 21.23 -27.59 -12.31
C GLY D 58 22.44 -27.87 -11.44
N SER D 59 23.62 -27.53 -11.95
CA SER D 59 24.87 -27.82 -11.25
C SER D 59 24.99 -27.09 -9.91
N SER D 60 24.72 -25.79 -9.94
CA SER D 60 24.90 -24.93 -8.77
C SER D 60 23.74 -25.01 -7.77
N GLY D 61 22.51 -25.02 -8.29
CA GLY D 61 21.31 -24.98 -7.47
C GLY D 61 20.56 -23.65 -7.51
N ASP D 62 21.08 -22.68 -8.28
CA ASP D 62 20.36 -21.43 -8.54
C ASP D 62 19.09 -21.67 -9.34
N ILE D 63 18.03 -20.94 -9.01
CA ILE D 63 16.78 -20.95 -9.76
C ILE D 63 16.58 -19.57 -10.39
N ALA D 64 16.62 -19.50 -11.72
CA ALA D 64 16.47 -18.23 -12.44
C ALA D 64 15.03 -17.69 -12.35
N LEU D 65 14.07 -18.59 -12.45
CA LEU D 65 12.66 -18.27 -12.29
C LEU D 65 11.97 -19.43 -11.58
N HIS D 66 11.36 -19.11 -10.44
CA HIS D 66 10.57 -20.03 -9.62
C HIS D 66 9.13 -19.54 -9.72
N ILE D 67 8.24 -20.38 -10.26
CA ILE D 67 6.82 -20.09 -10.34
C ILE D 67 6.14 -21.07 -9.39
N ASN D 68 5.40 -20.52 -8.42
CA ASN D 68 4.92 -21.28 -7.27
C ASN D 68 3.46 -20.92 -6.94
N PRO D 69 2.52 -21.57 -7.64
CA PRO D 69 1.12 -21.37 -7.31
C PRO D 69 0.76 -22.00 -5.97
N ARG D 70 -0.05 -21.28 -5.19
CA ARG D 70 -0.43 -21.65 -3.85
C ARG D 70 -1.94 -21.57 -3.77
N MET D 71 -2.57 -22.72 -3.53
CA MET D 71 -4.03 -22.82 -3.51
C MET D 71 -4.63 -22.22 -2.26
N GLY D 72 -3.93 -22.34 -1.13
CA GLY D 72 -4.42 -21.83 0.16
C GLY D 72 -4.85 -20.38 0.17
N ASN D 73 -4.05 -19.52 -0.46
CA ASN D 73 -4.39 -18.08 -0.63
C ASN D 73 -4.73 -17.67 -2.07
N GLY D 74 -4.34 -18.48 -3.06
CA GLY D 74 -4.55 -18.14 -4.47
C GLY D 74 -3.53 -17.12 -4.95
N THR D 75 -2.26 -17.32 -4.58
CA THR D 75 -1.18 -16.46 -5.04
C THR D 75 -0.38 -17.16 -6.14
N VAL D 76 0.30 -16.37 -6.95
CA VAL D 76 1.22 -16.87 -7.95
C VAL D 76 2.55 -16.17 -7.73
N VAL D 77 3.36 -16.80 -6.87
CA VAL D 77 4.65 -16.27 -6.46
C VAL D 77 5.70 -16.58 -7.52
N ARG D 78 6.37 -15.52 -8.00
CA ARG D 78 7.59 -15.65 -8.78
C ARG D 78 8.74 -15.13 -7.96
N ASN D 79 9.91 -15.74 -8.12
CA ASN D 79 11.13 -15.30 -7.44
C ASN D 79 12.33 -15.97 -8.09
N SER D 80 13.54 -15.59 -7.64
CA SER D 80 14.78 -16.26 -8.02
C SER D 80 15.61 -16.57 -6.78
N LEU D 81 16.16 -17.78 -6.72
CA LEU D 81 17.03 -18.24 -5.64
C LEU D 81 18.45 -18.11 -6.11
N LEU D 82 19.06 -16.96 -5.86
CA LEU D 82 20.45 -16.71 -6.23
C LEU D 82 21.32 -16.60 -4.98
N ASN D 83 22.42 -17.35 -4.99
CA ASN D 83 23.44 -17.29 -3.95
C ASN D 83 22.96 -17.84 -2.59
N GLY D 84 22.14 -18.89 -2.64
CA GLY D 84 21.55 -19.49 -1.44
C GLY D 84 20.34 -18.76 -0.85
N SER D 85 20.08 -17.52 -1.28
CA SER D 85 19.06 -16.68 -0.67
C SER D 85 18.07 -16.18 -1.71
N TRP D 86 16.79 -16.17 -1.34
CA TRP D 86 15.74 -15.70 -2.24
C TRP D 86 15.79 -14.18 -2.39
N GLY D 87 15.33 -13.70 -3.55
CA GLY D 87 15.16 -12.27 -3.80
C GLY D 87 13.76 -11.83 -3.44
N SER D 88 13.39 -10.64 -3.90
CA SER D 88 12.05 -10.09 -3.66
C SER D 88 11.01 -10.83 -4.51
N GLU D 89 9.81 -10.99 -3.96
CA GLU D 89 8.75 -11.72 -4.64
C GLU D 89 7.97 -10.82 -5.60
N GLU D 90 7.37 -11.46 -6.62
CA GLU D 90 6.44 -10.79 -7.54
C GLU D 90 5.16 -11.59 -7.61
N LYS D 91 4.06 -10.97 -7.20
CA LYS D 91 2.74 -11.61 -7.06
C LYS D 91 1.63 -11.05 -7.96
N LYS D 92 1.82 -9.85 -8.49
CA LYS D 92 0.83 -9.21 -9.36
C LYS D 92 0.40 -10.12 -10.50
N ILE D 93 -0.92 -10.30 -10.64
CA ILE D 93 -1.54 -11.07 -11.71
C ILE D 93 -2.88 -10.43 -12.10
N THR D 94 -3.31 -10.67 -13.34
CA THR D 94 -4.63 -10.26 -13.81
C THR D 94 -5.64 -11.39 -13.73
N HIS D 95 -5.16 -12.61 -13.45
CA HIS D 95 -6.03 -13.77 -13.24
C HIS D 95 -5.25 -14.93 -12.64
N ASN D 96 -5.97 -15.81 -11.96
CA ASN D 96 -5.42 -17.06 -11.44
C ASN D 96 -6.06 -18.27 -12.14
N PRO D 97 -5.30 -18.95 -13.02
CA PRO D 97 -5.79 -20.16 -13.68
C PRO D 97 -5.49 -21.48 -12.94
N PHE D 98 -4.93 -21.40 -11.72
CA PHE D 98 -4.52 -22.59 -10.98
C PHE D 98 -5.47 -22.93 -9.84
N GLY D 99 -6.76 -22.62 -9.99
CA GLY D 99 -7.75 -22.93 -8.94
C GLY D 99 -7.71 -24.42 -8.58
N PRO D 100 -8.05 -24.78 -7.34
CA PRO D 100 -8.18 -26.21 -7.05
C PRO D 100 -9.16 -26.92 -7.99
N GLY D 101 -8.77 -28.12 -8.42
CA GLY D 101 -9.54 -28.89 -9.40
C GLY D 101 -9.53 -28.35 -10.83
N GLN D 102 -8.57 -27.48 -11.16
CA GLN D 102 -8.52 -26.83 -12.50
C GLN D 102 -7.44 -27.43 -13.42
N PHE D 103 -7.75 -27.40 -14.71
CA PHE D 103 -6.78 -27.69 -15.78
C PHE D 103 -6.19 -26.39 -16.28
N PHE D 104 -4.89 -26.41 -16.58
CA PHE D 104 -4.18 -25.23 -17.09
C PHE D 104 -3.25 -25.58 -18.26
N ASP D 105 -3.20 -24.70 -19.25
CA ASP D 105 -2.27 -24.79 -20.37
C ASP D 105 -1.32 -23.61 -20.27
N LEU D 106 -0.09 -23.86 -19.82
CA LEU D 106 0.86 -22.80 -19.51
C LEU D 106 1.93 -22.74 -20.60
N SER D 107 2.33 -21.52 -20.96
CA SER D 107 3.37 -21.30 -21.96
C SER D 107 4.36 -20.28 -21.42
N ILE D 108 5.66 -20.59 -21.55
CA ILE D 108 6.71 -19.77 -20.99
C ILE D 108 7.74 -19.49 -22.08
N ARG D 109 7.90 -18.20 -22.42
CA ARG D 109 8.89 -17.78 -23.40
C ARG D 109 10.04 -17.05 -22.71
N CYS D 110 11.28 -17.45 -23.05
CA CYS D 110 12.46 -16.70 -22.63
C CYS D 110 12.68 -15.61 -23.66
N GLY D 111 12.60 -14.36 -23.23
CA GLY D 111 13.01 -13.23 -24.05
C GLY D 111 14.47 -12.90 -23.78
N LEU D 112 14.93 -11.78 -24.33
CA LEU D 112 16.28 -11.30 -24.02
C LEU D 112 16.35 -10.69 -22.61
N ASP D 113 15.38 -9.83 -22.29
CA ASP D 113 15.31 -9.18 -20.97
C ASP D 113 14.34 -9.84 -19.96
N ARG D 114 13.42 -10.67 -20.42
CA ARG D 114 12.42 -11.25 -19.51
C ARG D 114 11.88 -12.59 -19.94
N PHE D 115 11.29 -13.29 -18.97
CA PHE D 115 10.35 -14.37 -19.23
C PHE D 115 8.97 -13.77 -19.47
N LYS D 116 8.22 -14.38 -20.39
CA LYS D 116 6.83 -14.00 -20.67
C LYS D 116 5.98 -15.24 -20.46
N VAL D 117 5.05 -15.18 -19.50
CA VAL D 117 4.22 -16.35 -19.16
C VAL D 117 2.74 -16.11 -19.50
N TYR D 118 2.15 -17.04 -20.25
CA TYR D 118 0.72 -17.03 -20.57
C TYR D 118 0.08 -18.29 -20.03
N ALA D 119 -1.16 -18.15 -19.56
CA ALA D 119 -1.98 -19.28 -19.17
C ALA D 119 -3.27 -19.22 -19.98
N ASN D 120 -3.59 -20.36 -20.60
CA ASN D 120 -4.77 -20.50 -21.45
C ASN D 120 -4.83 -19.44 -22.56
N GLY D 121 -3.66 -19.07 -23.11
CA GLY D 121 -3.56 -17.99 -24.11
C GLY D 121 -3.37 -16.59 -23.57
N GLN D 122 -3.91 -16.31 -22.39
CA GLN D 122 -3.89 -14.96 -21.82
C GLN D 122 -2.59 -14.72 -21.08
N HIS D 123 -2.00 -13.53 -21.29
CA HIS D 123 -0.83 -13.10 -20.52
C HIS D 123 -1.06 -13.22 -19.01
N LEU D 124 -0.09 -13.82 -18.32
CA LEU D 124 -0.18 -14.05 -16.87
C LEU D 124 0.77 -13.09 -16.17
N PHE D 125 2.06 -13.15 -16.51
CA PHE D 125 3.06 -12.21 -15.98
C PHE D 125 4.31 -12.12 -16.85
N ASP D 126 5.06 -11.03 -16.66
CA ASP D 126 6.43 -10.90 -17.16
C ASP D 126 7.37 -10.86 -15.97
N PHE D 127 8.54 -11.47 -16.13
CA PHE D 127 9.53 -11.56 -15.08
C PHE D 127 10.86 -11.25 -15.73
N ALA D 128 11.39 -10.05 -15.45
CA ALA D 128 12.71 -9.65 -15.96
C ALA D 128 13.78 -10.58 -15.38
N HIS D 129 14.79 -10.90 -16.20
CA HIS D 129 15.87 -11.78 -15.76
C HIS D 129 16.66 -11.09 -14.66
N ARG D 130 16.79 -11.79 -13.54
CA ARG D 130 17.64 -11.37 -12.45
C ARG D 130 18.97 -12.06 -12.66
N LEU D 131 18.91 -13.40 -12.81
CA LEU D 131 20.04 -14.17 -13.30
C LEU D 131 20.18 -13.78 -14.77
N SER D 132 21.03 -12.78 -15.00
CA SER D 132 21.22 -12.17 -16.30
C SER D 132 21.76 -13.15 -17.34
N ALA D 133 22.64 -14.06 -16.91
CA ALA D 133 23.25 -15.08 -17.78
C ALA D 133 22.31 -16.27 -17.92
N PHE D 134 21.15 -16.03 -18.54
CA PHE D 134 20.05 -16.99 -18.58
C PHE D 134 20.37 -18.29 -19.34
N GLN D 135 21.24 -18.20 -20.35
CA GLN D 135 21.75 -19.37 -21.09
C GLN D 135 22.33 -20.52 -20.22
N ARG D 136 22.68 -20.22 -18.97
CA ARG D 136 23.17 -21.23 -18.02
C ARG D 136 22.10 -22.21 -17.51
N VAL D 137 20.81 -21.86 -17.62
CA VAL D 137 19.73 -22.72 -17.11
C VAL D 137 19.62 -23.99 -17.97
N ASP D 138 19.86 -25.15 -17.35
CA ASP D 138 19.84 -26.46 -18.02
C ASP D 138 18.81 -27.44 -17.46
N THR D 139 17.95 -26.96 -16.55
CA THR D 139 17.02 -27.84 -15.84
C THR D 139 15.63 -27.18 -15.72
N LEU D 140 14.59 -27.89 -16.18
CA LEU D 140 13.20 -27.54 -15.89
C LEU D 140 12.67 -28.52 -14.86
N GLU D 141 12.43 -28.03 -13.65
CA GLU D 141 12.11 -28.84 -12.49
C GLU D 141 10.71 -28.51 -12.01
N ILE D 142 9.80 -29.48 -12.11
CA ILE D 142 8.42 -29.33 -11.63
C ILE D 142 8.23 -30.29 -10.48
N GLN D 143 7.73 -29.76 -9.35
CA GLN D 143 7.48 -30.56 -8.14
C GLN D 143 6.16 -30.17 -7.49
N GLY D 144 5.66 -31.05 -6.62
CA GLY D 144 4.58 -30.71 -5.70
C GLY D 144 3.22 -31.16 -6.17
N ASP D 145 2.19 -30.45 -5.72
CA ASP D 145 0.80 -30.87 -5.90
C ASP D 145 0.22 -30.44 -7.26
N VAL D 146 0.81 -31.00 -8.32
CA VAL D 146 0.32 -30.87 -9.70
C VAL D 146 0.35 -32.24 -10.38
N THR D 147 -0.57 -32.45 -11.31
CA THR D 147 -0.52 -33.57 -12.26
C THR D 147 -0.16 -33.00 -13.62
N LEU D 148 0.78 -33.64 -14.32
CA LEU D 148 1.19 -33.19 -15.67
C LEU D 148 0.69 -34.11 -16.78
N SER D 149 -0.03 -33.54 -17.73
CA SER D 149 -0.48 -34.27 -18.92
C SER D 149 0.59 -34.28 -20.03
N TYR D 150 1.37 -33.20 -20.13
CA TYR D 150 2.10 -32.89 -21.35
C TYR D 150 3.14 -31.82 -21.02
N VAL D 151 4.40 -32.06 -21.39
CA VAL D 151 5.47 -31.07 -21.29
C VAL D 151 6.28 -31.08 -22.58
N GLN D 152 6.44 -29.90 -23.18
CA GLN D 152 7.22 -29.72 -24.40
C GLN D 152 8.17 -28.56 -24.24
N ILE D 153 9.47 -28.85 -24.33
CA ILE D 153 10.47 -27.81 -24.55
C ILE D 153 10.60 -27.69 -26.07
#